data_4X9X
#
_entry.id   4X9X
#
_cell.length_a   167.343
_cell.length_b   41.872
_cell.length_c   38.573
_cell.angle_alpha   90.00
_cell.angle_beta   94.49
_cell.angle_gamma   90.00
#
_symmetry.space_group_name_H-M   'C 1 2 1'
#
loop_
_entity.id
_entity.type
_entity.pdbx_description
1 polymer 'DegV domain-containing protein MW1315'
2 non-polymer 'OLEIC ACID'
3 non-polymer 1,2-ETHANEDIOL
4 water water
#
_entity_poly.entity_id   1
_entity_poly.type   'polypeptide(L)'
_entity_poly.pdbx_seq_one_letter_code
;MGSSHHHHHHSSGLVPRGSHMTKQIIVTDSTSDLSKEYLEANNIHVIPLSLTIEGASYVDQVDITSEEFINHIENDEDVK
TSQPAIGEFISAYEELGKDGSEIISIHLSSGLSGTYNTAYQASQMVDANVTVIDSKSISFGLGYQIQHLVELVKEGVSTS
EIVKKLNHLRENIKLFVVIGQLNQLIKGGRISKTKGLIGNLMKIKPIGTLDDGRLELVHNARTQNSSIQYLKKEIAEFIG
DHEIKSIGVAHANVIEYVDKLKKVFNEAFHVNNYDINVTTPVISAHTGQGAIGLVVLKK
;
_entity_poly.pdbx_strand_id   A
#
loop_
_chem_comp.id
_chem_comp.type
_chem_comp.name
_chem_comp.formula
EDO non-polymer 1,2-ETHANEDIOL 'C2 H6 O2'
OLA non-polymer 'OLEIC ACID' 'C18 H34 O2'
#
# COMPACT_ATOMS: atom_id res chain seq x y z
N THR A 22 -2.03 23.92 14.37
CA THR A 22 -2.75 24.24 13.14
C THR A 22 -2.55 23.12 12.10
N LYS A 23 -1.35 22.55 12.07
CA LYS A 23 -1.08 21.48 11.11
C LYS A 23 -1.90 20.25 11.44
N GLN A 24 -2.47 19.66 10.41
CA GLN A 24 -3.14 18.37 10.57
C GLN A 24 -2.15 17.27 10.94
N ILE A 25 -2.63 16.29 11.68
CA ILE A 25 -1.87 15.12 12.08
C ILE A 25 -2.24 13.99 11.13
N ILE A 26 -1.24 13.26 10.64
CA ILE A 26 -1.46 12.20 9.65
C ILE A 26 -1.42 10.83 10.31
N VAL A 27 -2.44 10.03 10.01
CA VAL A 27 -2.55 8.64 10.42
C VAL A 27 -2.69 7.80 9.17
N THR A 28 -2.09 6.62 9.18
CA THR A 28 -2.30 5.65 8.12
C THR A 28 -2.25 4.24 8.72
N ASP A 29 -2.24 3.25 7.85
CA ASP A 29 -2.11 1.85 8.26
C ASP A 29 -0.75 1.31 7.83
N SER A 30 -0.51 0.03 8.04
CA SER A 30 0.80 -0.56 7.82
C SER A 30 1.05 -1.09 6.41
N THR A 31 0.28 -0.64 5.41
CA THR A 31 0.38 -1.17 4.07
C THR A 31 0.93 -0.21 3.01
N SER A 32 1.57 0.89 3.43
CA SER A 32 2.09 1.87 2.48
C SER A 32 3.42 1.50 1.83
N ASP A 33 4.14 0.58 2.47
CA ASP A 33 5.50 0.18 2.09
C ASP A 33 6.51 1.33 2.08
N LEU A 34 6.18 2.44 2.72
CA LEU A 34 7.18 3.49 2.97
C LEU A 34 8.13 3.02 4.05
N SER A 35 9.37 3.50 3.99
CA SER A 35 10.35 3.09 4.97
C SER A 35 9.99 3.58 6.37
N LYS A 36 10.39 2.82 7.38
CA LYS A 36 10.17 3.24 8.75
C LYS A 36 10.84 4.59 9.02
N GLU A 37 12.00 4.82 8.44
CA GLU A 37 12.72 6.08 8.62
C GLU A 37 11.85 7.25 8.13
N TYR A 38 11.23 7.10 6.96
CA TYR A 38 10.38 8.15 6.41
C TYR A 38 9.15 8.38 7.29
N LEU A 39 8.50 7.29 7.68
CA LEU A 39 7.30 7.39 8.49
C LEU A 39 7.61 8.08 9.82
N GLU A 40 8.69 7.70 10.47
CA GLU A 40 9.05 8.31 11.75
C GLU A 40 9.43 9.78 11.56
N ALA A 41 10.24 10.07 10.54
CA ALA A 41 10.76 11.42 10.34
C ALA A 41 9.63 12.41 10.10
N ASN A 42 8.54 11.94 9.52
CA ASN A 42 7.44 12.82 9.15
C ASN A 42 6.24 12.71 10.07
N ASN A 43 6.45 12.06 11.22
CA ASN A 43 5.42 11.95 12.25
C ASN A 43 4.13 11.33 11.74
N ILE A 44 4.27 10.29 10.94
CA ILE A 44 3.13 9.60 10.39
CA ILE A 44 3.13 9.58 10.39
C ILE A 44 2.79 8.45 11.33
N HIS A 45 1.58 8.49 11.88
CA HIS A 45 1.16 7.51 12.88
C HIS A 45 0.53 6.31 12.20
N VAL A 46 1.07 5.12 12.46
CA VAL A 46 0.66 3.90 11.79
C VAL A 46 -0.20 3.05 12.73
N ILE A 47 -1.39 2.68 12.23
CA ILE A 47 -2.28 1.74 12.91
C ILE A 47 -2.11 0.41 12.16
N PRO A 48 -1.45 -0.58 12.77
CA PRO A 48 -1.05 -1.75 11.99
C PRO A 48 -2.13 -2.82 11.86
N LEU A 49 -2.09 -3.51 10.74
CA LEU A 49 -2.89 -4.70 10.52
C LEU A 49 -2.21 -5.92 11.12
N SER A 50 -2.93 -7.05 11.13
CA SER A 50 -2.40 -8.28 11.72
CA SER A 50 -2.41 -8.28 11.73
C SER A 50 -2.48 -9.47 10.77
N LEU A 51 -1.77 -10.53 11.14
CA LEU A 51 -1.78 -11.80 10.44
C LEU A 51 -2.14 -12.87 11.42
N THR A 52 -2.92 -13.84 10.98
CA THR A 52 -3.22 -15.03 11.77
C THR A 52 -2.58 -16.20 11.05
N ILE A 53 -1.68 -16.88 11.75
CA ILE A 53 -0.89 -17.96 11.17
C ILE A 53 -1.13 -19.17 12.06
N GLU A 54 -1.78 -20.17 11.50
CA GLU A 54 -2.04 -21.41 12.24
C GLU A 54 -2.66 -21.18 13.63
N GLY A 55 -3.67 -20.32 13.70
CA GLY A 55 -4.40 -20.12 14.94
C GLY A 55 -3.80 -19.13 15.92
N ALA A 56 -2.71 -18.45 15.54
CA ALA A 56 -2.09 -17.42 16.38
C ALA A 56 -1.97 -16.13 15.59
N SER A 57 -2.26 -15.01 16.22
CA SER A 57 -2.20 -13.74 15.51
C SER A 57 -0.99 -12.89 15.93
N TYR A 58 -0.55 -12.07 15.00
CA TYR A 58 0.64 -11.26 15.14
C TYR A 58 0.37 -9.91 14.47
N VAL A 59 0.64 -8.83 15.18
CA VAL A 59 0.56 -7.49 14.60
C VAL A 59 1.78 -7.33 13.68
N ASP A 60 1.52 -6.95 12.43
CA ASP A 60 2.58 -6.87 11.42
CA ASP A 60 2.58 -6.86 11.43
C ASP A 60 3.66 -5.88 11.87
N GLN A 61 4.92 -6.35 11.88
CA GLN A 61 6.13 -5.59 12.24
C GLN A 61 6.21 -5.17 13.70
N VAL A 62 5.27 -5.63 14.49
CA VAL A 62 5.30 -5.39 15.92
C VAL A 62 5.58 -6.73 16.61
N ASP A 63 4.79 -7.74 16.27
CA ASP A 63 4.91 -9.07 16.88
C ASP A 63 5.61 -10.07 15.99
N ILE A 64 5.90 -9.70 14.75
CA ILE A 64 6.50 -10.62 13.79
C ILE A 64 7.33 -9.80 12.81
N THR A 65 8.52 -10.30 12.47
CA THR A 65 9.37 -9.66 11.48
C THR A 65 9.09 -10.28 10.12
N SER A 66 9.54 -9.60 9.08
CA SER A 66 9.37 -10.12 7.73
C SER A 66 10.13 -11.46 7.54
N GLU A 67 11.33 -11.56 8.08
CA GLU A 67 12.10 -12.80 8.04
C GLU A 67 11.33 -13.95 8.71
N GLU A 68 10.75 -13.69 9.87
CA GLU A 68 9.96 -14.70 10.57
C GLU A 68 8.74 -15.11 9.74
N PHE A 69 8.06 -14.12 9.15
CA PHE A 69 6.90 -14.42 8.34
C PHE A 69 7.26 -15.36 7.18
N ILE A 70 8.35 -15.05 6.49
CA ILE A 70 8.76 -15.86 5.36
C ILE A 70 9.04 -17.30 5.79
N ASN A 71 9.63 -17.48 6.97
CA ASN A 71 9.84 -18.82 7.49
C ASN A 71 8.52 -19.58 7.70
N HIS A 72 7.50 -18.92 8.23
CA HIS A 72 6.18 -19.56 8.36
C HIS A 72 5.63 -19.98 7.00
N ILE A 73 5.65 -19.07 6.04
CA ILE A 73 5.14 -19.36 4.70
C ILE A 73 5.87 -20.53 4.07
N GLU A 74 7.19 -20.57 4.19
CA GLU A 74 7.99 -21.64 3.60
C GLU A 74 7.74 -22.98 4.26
N ASN A 75 7.11 -22.97 5.42
CA ASN A 75 6.73 -24.18 6.13
C ASN A 75 5.30 -24.60 5.78
N ASP A 76 4.75 -24.01 4.72
CA ASP A 76 3.43 -24.39 4.22
C ASP A 76 2.32 -24.09 5.24
N GLU A 77 2.49 -23.03 6.02
CA GLU A 77 1.51 -22.68 7.04
C GLU A 77 0.40 -21.77 6.47
N ASP A 78 -0.79 -21.91 7.04
CA ASP A 78 -1.96 -21.14 6.62
C ASP A 78 -1.89 -19.73 7.18
N VAL A 79 -2.06 -18.71 6.33
CA VAL A 79 -2.06 -17.33 6.78
CA VAL A 79 -2.05 -17.33 6.78
C VAL A 79 -3.30 -16.59 6.31
N LYS A 80 -3.87 -15.81 7.21
CA LYS A 80 -4.97 -14.90 6.93
C LYS A 80 -4.54 -13.54 7.45
N THR A 81 -5.12 -12.48 6.93
CA THR A 81 -4.87 -11.14 7.43
C THR A 81 -6.13 -10.55 8.05
N SER A 82 -5.94 -9.52 8.86
CA SER A 82 -7.05 -8.81 9.48
CA SER A 82 -7.06 -8.82 9.47
CA SER A 82 -7.06 -8.82 9.47
C SER A 82 -6.81 -7.32 9.53
N GLN A 83 -7.89 -6.55 9.30
CA GLN A 83 -7.90 -5.12 9.52
CA GLN A 83 -7.90 -5.13 9.51
C GLN A 83 -7.68 -4.84 11.02
N PRO A 84 -7.27 -3.62 11.37
CA PRO A 84 -7.12 -3.29 12.78
C PRO A 84 -8.45 -3.26 13.52
N ALA A 85 -8.42 -3.51 14.82
CA ALA A 85 -9.59 -3.37 15.65
C ALA A 85 -10.03 -1.91 15.74
N ILE A 86 -11.34 -1.68 15.79
CA ILE A 86 -11.85 -0.31 15.84
C ILE A 86 -11.29 0.47 17.05
N GLY A 87 -11.11 -0.22 18.17
CA GLY A 87 -10.60 0.45 19.37
C GLY A 87 -9.20 1.01 19.20
N GLU A 88 -8.41 0.46 18.29
CA GLU A 88 -7.06 0.98 18.04
C GLU A 88 -7.17 2.35 17.38
N PHE A 89 -8.12 2.51 16.46
CA PHE A 89 -8.35 3.80 15.85
C PHE A 89 -8.95 4.79 16.85
N ILE A 90 -9.94 4.36 17.63
CA ILE A 90 -10.57 5.25 18.60
C ILE A 90 -9.52 5.80 19.57
N SER A 91 -8.70 4.93 20.13
CA SER A 91 -7.67 5.35 21.07
CA SER A 91 -7.67 5.35 21.07
C SER A 91 -6.68 6.33 20.42
N ALA A 92 -6.20 6.00 19.22
CA ALA A 92 -5.23 6.84 18.54
C ALA A 92 -5.81 8.22 18.21
N TYR A 93 -7.03 8.24 17.67
CA TYR A 93 -7.63 9.50 17.29
C TYR A 93 -7.84 10.41 18.51
N GLU A 94 -8.34 9.85 19.59
CA GLU A 94 -8.65 10.68 20.74
C GLU A 94 -7.38 11.23 21.36
N GLU A 95 -6.31 10.43 21.39
CA GLU A 95 -5.04 10.88 21.92
C GLU A 95 -4.42 11.94 21.01
N LEU A 96 -4.38 11.68 19.71
CA LEU A 96 -3.76 12.62 18.79
C LEU A 96 -4.50 13.94 18.73
N GLY A 97 -5.82 13.90 18.89
CA GLY A 97 -6.64 15.09 18.86
C GLY A 97 -6.71 15.86 20.16
N LYS A 98 -5.91 15.46 21.14
CA LYS A 98 -6.02 15.98 22.50
C LYS A 98 -5.94 17.49 22.63
N ASP A 99 -5.23 18.17 21.73
CA ASP A 99 -5.08 19.63 21.80
C ASP A 99 -5.91 20.34 20.74
N GLY A 100 -6.81 19.61 20.09
CA GLY A 100 -7.72 20.19 19.11
C GLY A 100 -7.23 20.14 17.66
N SER A 101 -6.13 19.46 17.40
CA SER A 101 -5.66 19.33 16.02
C SER A 101 -6.54 18.39 15.23
N GLU A 102 -6.78 18.74 13.97
CA GLU A 102 -7.43 17.87 13.01
C GLU A 102 -6.53 16.68 12.68
N ILE A 103 -7.17 15.56 12.38
CA ILE A 103 -6.46 14.36 11.95
CA ILE A 103 -6.47 14.35 11.95
C ILE A 103 -6.93 14.02 10.55
N ILE A 104 -5.98 13.65 9.67
CA ILE A 104 -6.28 13.09 8.36
C ILE A 104 -5.76 11.65 8.39
N SER A 105 -6.67 10.71 8.19
CA SER A 105 -6.39 9.29 8.33
C SER A 105 -6.60 8.65 6.97
N ILE A 106 -5.50 8.24 6.30
CA ILE A 106 -5.58 7.76 4.92
C ILE A 106 -5.22 6.28 4.89
N HIS A 107 -6.00 5.50 4.13
CA HIS A 107 -5.93 4.05 4.22
C HIS A 107 -5.92 3.35 2.88
N LEU A 108 -5.45 2.11 2.90
CA LEU A 108 -5.52 1.28 1.71
C LEU A 108 -6.97 1.16 1.22
N SER A 109 -7.09 0.81 -0.04
CA SER A 109 -8.34 0.72 -0.72
C SER A 109 -9.43 -0.02 0.04
N SER A 110 -10.61 0.58 0.08
CA SER A 110 -11.79 -0.13 0.55
C SER A 110 -12.10 -1.36 -0.29
N GLY A 111 -11.60 -1.42 -1.53
CA GLY A 111 -11.77 -2.60 -2.36
C GLY A 111 -10.87 -3.75 -1.97
N LEU A 112 -9.93 -3.50 -1.05
CA LEU A 112 -8.99 -4.53 -0.61
C LEU A 112 -9.13 -4.87 0.88
N SER A 113 -9.73 -3.98 1.66
CA SER A 113 -9.77 -4.16 3.10
C SER A 113 -10.90 -3.37 3.74
N GLY A 114 -11.40 -3.85 4.87
CA GLY A 114 -12.33 -3.10 5.69
C GLY A 114 -11.68 -2.03 6.57
N THR A 115 -10.36 -1.86 6.48
CA THR A 115 -9.65 -0.90 7.30
C THR A 115 -10.25 0.52 7.17
N TYR A 116 -10.45 0.99 5.95
CA TYR A 116 -11.01 2.31 5.74
C TYR A 116 -12.37 2.47 6.42
N ASN A 117 -13.24 1.50 6.22
CA ASN A 117 -14.55 1.54 6.84
C ASN A 117 -14.47 1.59 8.37
N THR A 118 -13.55 0.80 8.93
CA THR A 118 -13.35 0.77 10.36
C THR A 118 -12.83 2.11 10.90
N ALA A 119 -11.89 2.72 10.17
CA ALA A 119 -11.38 4.04 10.51
C ALA A 119 -12.52 5.06 10.49
N TYR A 120 -13.36 4.99 9.47
CA TYR A 120 -14.51 5.89 9.41
C TYR A 120 -15.44 5.70 10.61
N GLN A 121 -15.73 4.45 10.93
CA GLN A 121 -16.59 4.20 12.07
C GLN A 121 -15.98 4.76 13.35
N ALA A 122 -14.69 4.56 13.54
CA ALA A 122 -14.01 5.09 14.70
C ALA A 122 -14.11 6.62 14.72
N SER A 123 -14.00 7.23 13.55
CA SER A 123 -14.05 8.69 13.48
C SER A 123 -15.41 9.25 13.97
N GLN A 124 -16.45 8.43 13.92
CA GLN A 124 -17.78 8.82 14.41
C GLN A 124 -17.98 8.54 15.90
N MET A 125 -16.94 8.05 16.57
CA MET A 125 -17.01 7.65 17.96
CA MET A 125 -17.01 7.65 17.97
C MET A 125 -15.95 8.34 18.83
N VAL A 126 -15.39 9.44 18.32
CA VAL A 126 -14.41 10.22 19.07
C VAL A 126 -14.80 11.69 19.06
N ASP A 127 -14.30 12.41 20.06
CA ASP A 127 -14.49 13.84 20.11
C ASP A 127 -13.57 14.60 19.15
N ALA A 128 -12.47 13.98 18.80
CA ALA A 128 -11.49 14.55 17.88
C ALA A 128 -12.11 14.75 16.50
N ASN A 129 -11.55 15.67 15.73
CA ASN A 129 -11.98 15.96 14.37
C ASN A 129 -11.12 15.18 13.38
N VAL A 130 -11.70 14.16 12.78
CA VAL A 130 -10.98 13.24 11.92
C VAL A 130 -11.62 13.16 10.56
N THR A 131 -10.79 13.30 9.53
CA THR A 131 -11.19 13.09 8.14
C THR A 131 -10.50 11.83 7.63
N VAL A 132 -11.30 10.89 7.14
CA VAL A 132 -10.78 9.60 6.70
C VAL A 132 -10.82 9.54 5.17
N ILE A 133 -9.70 9.15 4.56
CA ILE A 133 -9.55 9.10 3.11
C ILE A 133 -9.28 7.67 2.65
N ASP A 134 -10.11 7.21 1.70
CA ASP A 134 -9.90 5.95 1.00
C ASP A 134 -8.93 6.20 -0.14
N SER A 135 -7.69 5.74 0.00
CA SER A 135 -6.68 5.98 -1.03
C SER A 135 -6.93 5.23 -2.32
N LYS A 136 -7.85 4.27 -2.31
CA LYS A 136 -8.11 3.42 -3.46
C LYS A 136 -6.82 2.70 -3.93
N SER A 137 -5.86 2.52 -3.04
CA SER A 137 -4.60 1.94 -3.46
C SER A 137 -3.93 1.18 -2.32
N ILE A 138 -2.67 0.83 -2.50
CA ILE A 138 -1.92 0.04 -1.54
C ILE A 138 -0.46 0.17 -1.89
N SER A 139 0.42 -0.23 -0.96
CA SER A 139 1.86 -0.16 -1.17
C SER A 139 2.20 1.27 -1.61
N PHE A 140 3.16 1.45 -2.50
CA PHE A 140 3.56 2.79 -2.90
C PHE A 140 2.43 3.61 -3.55
N GLY A 141 1.36 2.97 -4.03
CA GLY A 141 0.21 3.72 -4.49
C GLY A 141 -0.43 4.54 -3.38
N LEU A 142 -0.49 3.94 -2.19
CA LEU A 142 -0.86 4.61 -0.95
C LEU A 142 0.31 5.49 -0.46
N GLY A 143 1.52 4.96 -0.47
CA GLY A 143 2.69 5.70 -0.02
C GLY A 143 2.89 7.04 -0.71
N TYR A 144 2.71 7.11 -2.02
CA TYR A 144 2.90 8.37 -2.73
C TYR A 144 1.80 9.37 -2.42
N GLN A 145 0.60 8.90 -2.10
CA GLN A 145 -0.44 9.80 -1.61
C GLN A 145 -0.07 10.36 -0.24
N ILE A 146 0.49 9.53 0.64
CA ILE A 146 0.98 9.98 1.93
C ILE A 146 2.07 11.03 1.77
N GLN A 147 3.02 10.79 0.86
CA GLN A 147 4.11 11.74 0.67
C GLN A 147 3.58 13.09 0.18
N HIS A 148 2.60 13.06 -0.72
CA HIS A 148 2.01 14.31 -1.18
C HIS A 148 1.24 15.00 -0.04
N LEU A 149 0.54 14.20 0.76
CA LEU A 149 -0.18 14.70 1.92
C LEU A 149 0.77 15.42 2.90
N VAL A 150 1.92 14.84 3.16
CA VAL A 150 2.92 15.47 4.01
C VAL A 150 3.28 16.85 3.48
N GLU A 151 3.52 16.95 2.17
CA GLU A 151 3.86 18.23 1.57
C GLU A 151 2.73 19.25 1.66
N LEU A 152 1.50 18.82 1.41
CA LEU A 152 0.37 19.73 1.49
C LEU A 152 0.14 20.24 2.92
N VAL A 153 0.29 19.37 3.92
CA VAL A 153 0.17 19.78 5.30
C VAL A 153 1.27 20.80 5.64
N LYS A 154 2.50 20.55 5.20
CA LYS A 154 3.57 21.52 5.43
C LYS A 154 3.23 22.88 4.82
N GLU A 155 2.56 22.87 3.68
CA GLU A 155 2.21 24.10 2.96
C GLU A 155 0.99 24.82 3.54
N GLY A 156 0.32 24.18 4.48
CA GLY A 156 -0.82 24.80 5.14
C GLY A 156 -2.15 24.68 4.42
N VAL A 157 -2.27 23.69 3.55
CA VAL A 157 -3.48 23.51 2.75
C VAL A 157 -4.62 22.99 3.62
N SER A 158 -5.84 23.49 3.41
CA SER A 158 -6.99 23.03 4.18
C SER A 158 -7.29 21.57 3.89
N THR A 159 -7.95 20.90 4.83
CA THR A 159 -8.28 19.49 4.65
C THR A 159 -9.17 19.26 3.44
N SER A 160 -10.16 20.13 3.24
N SER A 160 -10.16 20.14 3.26
CA SER A 160 -11.05 19.95 2.10
CA SER A 160 -11.06 20.04 2.12
C SER A 160 -10.28 20.06 0.78
C SER A 160 -10.29 20.06 0.81
N GLU A 161 -9.35 20.99 0.70
CA GLU A 161 -8.55 21.12 -0.52
C GLU A 161 -7.58 19.93 -0.66
N ILE A 162 -7.04 19.45 0.45
CA ILE A 162 -6.19 18.26 0.43
C ILE A 162 -6.94 17.07 -0.19
N VAL A 163 -8.18 16.86 0.23
CA VAL A 163 -8.94 15.73 -0.29
C VAL A 163 -9.07 15.82 -1.82
N LYS A 164 -9.39 17.01 -2.32
CA LYS A 164 -9.51 17.24 -3.76
C LYS A 164 -8.19 17.03 -4.50
N LYS A 165 -7.11 17.53 -3.91
CA LYS A 165 -5.80 17.43 -4.54
C LYS A 165 -5.33 15.98 -4.61
N LEU A 166 -5.61 15.19 -3.58
CA LEU A 166 -5.25 13.78 -3.62
C LEU A 166 -6.12 13.04 -4.63
N ASN A 167 -7.37 13.43 -4.80
CA ASN A 167 -8.19 12.81 -5.82
CA ASN A 167 -8.22 12.82 -5.83
C ASN A 167 -7.59 13.03 -7.20
N HIS A 168 -7.10 14.24 -7.44
CA HIS A 168 -6.45 14.53 -8.71
C HIS A 168 -5.16 13.71 -8.85
N LEU A 169 -4.35 13.68 -7.78
CA LEU A 169 -3.09 12.96 -7.80
C LEU A 169 -3.28 11.50 -8.18
N ARG A 170 -4.33 10.89 -7.66
CA ARG A 170 -4.59 9.47 -7.91
CA ARG A 170 -4.60 9.47 -7.90
C ARG A 170 -4.75 9.14 -9.38
N GLU A 171 -5.25 10.09 -10.15
CA GLU A 171 -5.41 9.84 -11.58
C GLU A 171 -4.09 9.71 -12.29
N ASN A 172 -3.02 10.17 -11.63
CA ASN A 172 -1.70 10.10 -12.20
C ASN A 172 -0.87 8.97 -11.64
N ILE A 173 -1.48 8.06 -10.88
CA ILE A 173 -0.78 6.90 -10.36
C ILE A 173 -1.27 5.65 -11.07
N LYS A 174 -0.33 4.85 -11.58
CA LYS A 174 -0.64 3.53 -12.14
C LYS A 174 0.04 2.46 -11.30
N LEU A 175 -0.73 1.46 -10.89
CA LEU A 175 -0.20 0.35 -10.11
C LEU A 175 -0.43 -0.96 -10.83
N PHE A 176 0.63 -1.77 -10.90
CA PHE A 176 0.56 -3.14 -11.37
C PHE A 176 1.09 -4.05 -10.28
N VAL A 177 0.56 -5.26 -10.24
CA VAL A 177 1.12 -6.31 -9.38
C VAL A 177 1.34 -7.55 -10.21
N VAL A 178 2.50 -8.16 -10.10
CA VAL A 178 2.73 -9.48 -10.66
C VAL A 178 2.61 -10.45 -9.49
N ILE A 179 1.64 -11.34 -9.59
CA ILE A 179 1.29 -12.26 -8.53
C ILE A 179 2.32 -13.37 -8.45
N GLY A 180 2.76 -13.69 -7.23
CA GLY A 180 3.73 -14.74 -6.99
C GLY A 180 3.14 -16.12 -6.86
N GLN A 181 1.99 -16.23 -6.21
CA GLN A 181 1.31 -17.50 -6.02
C GLN A 181 -0.19 -17.26 -6.15
N LEU A 182 -0.75 -17.64 -7.29
CA LEU A 182 -2.15 -17.38 -7.57
C LEU A 182 -3.06 -18.04 -6.54
N ASN A 183 -2.70 -19.22 -6.06
CA ASN A 183 -3.57 -19.88 -5.06
C ASN A 183 -3.68 -19.09 -3.78
N GLN A 184 -2.62 -18.37 -3.40
N GLN A 184 -2.61 -18.38 -3.41
CA GLN A 184 -2.68 -17.54 -2.20
CA GLN A 184 -2.66 -17.52 -2.23
C GLN A 184 -3.58 -16.32 -2.44
C GLN A 184 -3.62 -16.37 -2.46
N LEU A 185 -3.54 -15.77 -3.65
CA LEU A 185 -4.41 -14.66 -3.97
C LEU A 185 -5.88 -15.09 -3.95
N ILE A 186 -6.16 -16.26 -4.51
CA ILE A 186 -7.52 -16.81 -4.50
C ILE A 186 -8.01 -17.06 -3.07
N LYS A 187 -7.15 -17.64 -2.24
CA LYS A 187 -7.51 -17.90 -0.85
CA LYS A 187 -7.50 -17.89 -0.85
C LYS A 187 -7.81 -16.60 -0.09
N GLY A 188 -7.09 -15.53 -0.43
CA GLY A 188 -7.25 -14.29 0.29
C GLY A 188 -8.52 -13.51 -0.06
N GLY A 189 -9.13 -13.82 -1.21
CA GLY A 189 -10.42 -13.27 -1.55
C GLY A 189 -10.48 -11.90 -2.20
N ARG A 190 -9.34 -11.28 -2.50
CA ARG A 190 -9.39 -9.91 -3.02
C ARG A 190 -9.61 -9.76 -4.52
N ILE A 191 -9.59 -10.84 -5.27
CA ILE A 191 -9.84 -10.68 -6.69
C ILE A 191 -11.24 -10.15 -6.87
N SER A 192 -11.35 -9.02 -7.58
CA SER A 192 -12.63 -8.46 -8.00
C SER A 192 -12.99 -8.98 -9.40
N LYS A 193 -12.02 -9.00 -10.31
CA LYS A 193 -12.23 -9.49 -11.67
C LYS A 193 -11.12 -10.45 -12.13
N ILE A 204 2.31 -19.71 -15.23
CA ILE A 204 2.34 -18.35 -15.73
C ILE A 204 2.21 -17.36 -14.58
N LYS A 205 2.49 -16.10 -14.87
CA LYS A 205 2.53 -15.05 -13.88
C LYS A 205 1.36 -14.10 -14.12
N PRO A 206 0.35 -14.15 -13.25
CA PRO A 206 -0.79 -13.24 -13.42
C PRO A 206 -0.37 -11.82 -13.11
N ILE A 207 -0.87 -10.87 -13.88
CA ILE A 207 -0.61 -9.46 -13.64
C ILE A 207 -1.95 -8.76 -13.42
N GLY A 208 -2.03 -7.99 -12.34
CA GLY A 208 -3.23 -7.24 -12.01
C GLY A 208 -2.97 -5.76 -11.91
N THR A 209 -4.07 -5.01 -11.87
CA THR A 209 -4.04 -3.60 -11.58
C THR A 209 -5.18 -3.27 -10.64
N LEU A 210 -5.21 -2.04 -10.14
CA LEU A 210 -6.36 -1.58 -9.37
C LEU A 210 -7.17 -0.63 -10.25
N ASP A 211 -8.48 -0.89 -10.32
CA ASP A 211 -9.43 -0.06 -11.04
C ASP A 211 -10.38 0.52 -10.00
N ASP A 212 -10.24 1.82 -9.75
CA ASP A 212 -10.94 2.49 -8.67
C ASP A 212 -10.91 1.64 -7.40
N GLY A 213 -9.73 1.17 -7.07
CA GLY A 213 -9.50 0.47 -5.83
C GLY A 213 -9.75 -1.02 -5.84
N ARG A 214 -10.23 -1.57 -6.95
CA ARG A 214 -10.54 -2.99 -7.02
C ARG A 214 -9.51 -3.73 -7.86
N LEU A 215 -9.10 -4.89 -7.38
CA LEU A 215 -8.09 -5.70 -8.05
C LEU A 215 -8.70 -6.44 -9.25
N GLU A 216 -8.11 -6.21 -10.43
CA GLU A 216 -8.50 -6.86 -11.67
C GLU A 216 -7.28 -7.49 -12.29
N LEU A 217 -7.37 -8.77 -12.65
CA LEU A 217 -6.27 -9.44 -13.37
C LEU A 217 -6.44 -9.10 -14.83
N VAL A 218 -5.39 -8.60 -15.46
CA VAL A 218 -5.47 -8.05 -16.81
C VAL A 218 -4.56 -8.73 -17.85
N HIS A 219 -3.59 -9.53 -17.40
CA HIS A 219 -2.66 -10.15 -18.33
C HIS A 219 -1.99 -11.31 -17.66
N ASN A 220 -1.65 -12.33 -18.44
CA ASN A 220 -0.81 -13.43 -17.93
C ASN A 220 0.49 -13.41 -18.69
N ALA A 221 1.61 -13.33 -17.96
CA ALA A 221 2.94 -13.38 -18.60
C ALA A 221 3.59 -14.72 -18.36
N ARG A 222 4.36 -15.20 -19.32
CA ARG A 222 4.99 -16.51 -19.19
CA ARG A 222 4.97 -16.50 -19.19
C ARG A 222 6.22 -16.54 -18.28
N THR A 223 6.98 -15.46 -18.24
CA THR A 223 8.23 -15.44 -17.45
C THR A 223 8.43 -14.12 -16.74
N GLN A 224 9.37 -14.07 -15.78
CA GLN A 224 9.76 -12.79 -15.19
C GLN A 224 10.15 -11.80 -16.29
N ASN A 225 11.02 -12.24 -17.20
CA ASN A 225 11.49 -11.33 -18.23
C ASN A 225 10.34 -10.82 -19.10
N SER A 226 9.43 -11.70 -19.49
CA SER A 226 8.35 -11.25 -20.36
C SER A 226 7.36 -10.36 -19.61
N SER A 227 7.18 -10.59 -18.32
CA SER A 227 6.33 -9.71 -17.51
C SER A 227 6.87 -8.29 -17.54
N ILE A 228 8.19 -8.16 -17.52
CA ILE A 228 8.83 -6.86 -17.50
C ILE A 228 8.68 -6.13 -18.85
N GLN A 229 8.75 -6.89 -19.95
CA GLN A 229 8.46 -6.29 -21.25
C GLN A 229 7.02 -5.78 -21.32
N TYR A 230 6.07 -6.54 -20.78
CA TYR A 230 4.68 -6.13 -20.75
C TYR A 230 4.53 -4.85 -19.93
N LEU A 231 5.14 -4.82 -18.75
CA LEU A 231 5.03 -3.66 -17.88
C LEU A 231 5.66 -2.43 -18.51
N LYS A 232 6.80 -2.61 -19.18
CA LYS A 232 7.42 -1.49 -19.89
C LYS A 232 6.46 -0.87 -20.90
N LYS A 233 5.83 -1.71 -21.72
CA LYS A 233 4.92 -1.20 -22.72
C LYS A 233 3.71 -0.52 -22.09
N GLU A 234 3.18 -1.09 -21.03
CA GLU A 234 2.02 -0.50 -20.38
C GLU A 234 2.37 0.84 -19.73
N ILE A 235 3.53 0.93 -19.12
CA ILE A 235 3.95 2.20 -18.52
C ILE A 235 4.20 3.24 -19.62
N ALA A 236 4.79 2.84 -20.74
CA ALA A 236 5.00 3.79 -21.83
C ALA A 236 3.66 4.36 -22.29
N GLU A 237 2.65 3.50 -22.36
CA GLU A 237 1.32 3.95 -22.76
C GLU A 237 0.71 4.89 -21.72
N PHE A 238 0.89 4.56 -20.44
CA PHE A 238 0.32 5.36 -19.37
C PHE A 238 0.92 6.75 -19.33
N ILE A 239 2.24 6.86 -19.50
CA ILE A 239 2.89 8.16 -19.33
C ILE A 239 2.89 9.02 -20.58
N GLY A 240 2.83 8.42 -21.76
CA GLY A 240 2.86 9.22 -22.99
C GLY A 240 4.12 10.08 -23.00
N ASP A 241 3.95 11.38 -23.22
CA ASP A 241 5.10 12.30 -23.21
C ASP A 241 5.26 12.99 -21.86
N HIS A 242 4.67 12.44 -20.81
CA HIS A 242 4.86 12.97 -19.46
C HIS A 242 6.12 12.44 -18.80
N GLU A 243 6.67 13.24 -17.90
CA GLU A 243 7.74 12.79 -17.04
C GLU A 243 7.23 11.88 -15.94
N ILE A 244 8.09 10.96 -15.51
CA ILE A 244 7.84 10.19 -14.31
C ILE A 244 8.28 11.02 -13.10
N LYS A 245 7.36 11.27 -12.17
CA LYS A 245 7.73 11.94 -10.92
C LYS A 245 8.33 10.96 -9.91
N SER A 246 7.66 9.83 -9.68
CA SER A 246 8.13 8.82 -8.74
C SER A 246 7.86 7.45 -9.35
N ILE A 247 8.77 6.52 -9.11
CA ILE A 247 8.54 5.13 -9.45
C ILE A 247 9.00 4.24 -8.31
N GLY A 248 8.12 3.35 -7.89
CA GLY A 248 8.35 2.48 -6.76
C GLY A 248 8.16 1.04 -7.12
N VAL A 249 9.00 0.18 -6.53
CA VAL A 249 8.81 -1.26 -6.67
C VAL A 249 8.88 -1.88 -5.28
N ALA A 250 7.79 -2.50 -4.87
CA ALA A 250 7.77 -3.29 -3.65
C ALA A 250 7.86 -4.76 -4.06
N HIS A 251 8.48 -5.60 -3.24
CA HIS A 251 8.70 -6.97 -3.65
C HIS A 251 8.57 -7.94 -2.50
N ALA A 252 8.05 -9.13 -2.81
CA ALA A 252 7.88 -10.18 -1.83
C ALA A 252 9.13 -11.07 -1.84
N ASN A 253 10.20 -10.48 -1.34
CA ASN A 253 11.49 -11.14 -1.17
C ASN A 253 12.05 -11.68 -2.48
N VAL A 254 12.14 -10.82 -3.49
CA VAL A 254 12.71 -11.18 -4.77
C VAL A 254 13.44 -9.99 -5.40
N ILE A 255 14.49 -9.53 -4.73
CA ILE A 255 15.20 -8.36 -5.24
C ILE A 255 15.77 -8.58 -6.64
N GLU A 256 16.15 -9.81 -6.99
CA GLU A 256 16.71 -10.04 -8.32
C GLU A 256 15.69 -9.72 -9.43
N TYR A 257 14.41 -9.97 -9.15
CA TYR A 257 13.34 -9.69 -10.11
C TYR A 257 13.17 -8.16 -10.23
N VAL A 258 13.19 -7.45 -9.10
CA VAL A 258 13.20 -6.00 -9.11
C VAL A 258 14.35 -5.47 -9.95
N ASP A 259 15.54 -6.06 -9.76
CA ASP A 259 16.72 -5.59 -10.49
C ASP A 259 16.55 -5.77 -12.00
N LYS A 260 15.92 -6.87 -12.41
CA LYS A 260 15.62 -7.06 -13.83
C LYS A 260 14.75 -5.94 -14.36
N LEU A 261 13.75 -5.55 -13.57
CA LEU A 261 12.84 -4.49 -13.98
C LEU A 261 13.59 -3.17 -14.07
N LYS A 262 14.42 -2.87 -13.06
CA LYS A 262 15.20 -1.62 -13.09
C LYS A 262 16.09 -1.55 -14.32
N LYS A 263 16.71 -2.68 -14.68
CA LYS A 263 17.62 -2.66 -15.82
C LYS A 263 16.86 -2.27 -17.11
N VAL A 264 15.70 -2.88 -17.32
CA VAL A 264 14.89 -2.57 -18.49
C VAL A 264 14.35 -1.14 -18.44
N PHE A 265 13.83 -0.75 -17.28
CA PHE A 265 13.23 0.57 -17.13
C PHE A 265 14.26 1.71 -17.19
N ASN A 266 15.49 1.44 -16.74
CA ASN A 266 16.57 2.42 -16.87
C ASN A 266 16.84 2.72 -18.34
N GLU A 267 16.81 1.69 -19.18
CA GLU A 267 17.07 1.87 -20.61
CA GLU A 267 17.07 1.87 -20.61
C GLU A 267 15.90 2.54 -21.32
N ALA A 268 14.68 2.18 -20.92
CA ALA A 268 13.47 2.69 -21.58
C ALA A 268 13.09 4.10 -21.17
N PHE A 269 13.29 4.43 -19.91
CA PHE A 269 12.75 5.65 -19.33
C PHE A 269 13.79 6.52 -18.64
N HIS A 270 15.00 6.00 -18.47
CA HIS A 270 16.10 6.77 -17.87
C HIS A 270 15.74 7.28 -16.47
N VAL A 271 15.22 6.36 -15.66
CA VAL A 271 14.79 6.66 -14.31
C VAL A 271 15.96 7.17 -13.46
N ASN A 272 15.72 8.23 -12.71
CA ASN A 272 16.78 8.80 -11.86
C ASN A 272 16.94 8.03 -10.56
N ASN A 273 15.82 7.73 -9.90
CA ASN A 273 15.81 7.01 -8.63
C ASN A 273 14.52 6.24 -8.47
N TYR A 274 14.63 5.05 -7.91
CA TYR A 274 13.47 4.24 -7.53
C TYR A 274 13.26 4.26 -6.03
N ASP A 275 12.01 4.16 -5.58
CA ASP A 275 11.75 3.74 -4.21
C ASP A 275 11.58 2.24 -4.22
N ILE A 276 12.38 1.54 -3.42
CA ILE A 276 12.35 0.09 -3.40
C ILE A 276 12.17 -0.35 -1.96
N ASN A 277 11.29 -1.30 -1.71
CA ASN A 277 11.19 -1.88 -0.37
CA ASN A 277 11.19 -1.89 -0.38
C ASN A 277 10.67 -3.31 -0.46
N VAL A 278 11.06 -4.12 0.51
CA VAL A 278 10.42 -5.39 0.74
C VAL A 278 8.99 -5.09 1.17
N THR A 279 8.00 -5.71 0.54
CA THR A 279 6.62 -5.46 0.92
C THR A 279 6.29 -6.05 2.28
N THR A 280 5.30 -5.46 2.92
CA THR A 280 4.91 -5.93 4.22
CA THR A 280 4.86 -5.93 4.23
C THR A 280 4.25 -7.32 4.12
N PRO A 281 4.41 -8.15 5.17
CA PRO A 281 3.77 -9.46 5.19
C PRO A 281 2.26 -9.45 4.92
N VAL A 282 1.54 -8.43 5.38
CA VAL A 282 0.10 -8.39 5.10
C VAL A 282 -0.18 -8.43 3.59
N ILE A 283 0.66 -7.77 2.80
CA ILE A 283 0.51 -7.80 1.36
C ILE A 283 0.98 -9.13 0.77
N SER A 284 2.17 -9.59 1.14
CA SER A 284 2.65 -10.83 0.54
CA SER A 284 2.68 -10.85 0.57
C SER A 284 1.85 -12.07 0.93
N ALA A 285 1.11 -11.98 2.04
CA ALA A 285 0.21 -13.05 2.42
C ALA A 285 -0.84 -13.31 1.32
N HIS A 286 -1.18 -12.26 0.59
CA HIS A 286 -2.13 -12.33 -0.53
C HIS A 286 -1.47 -12.54 -1.88
N THR A 287 -0.35 -11.87 -2.14
CA THR A 287 0.28 -12.00 -3.46
C THR A 287 1.06 -13.28 -3.63
N GLY A 288 1.46 -13.88 -2.52
CA GLY A 288 2.45 -14.92 -2.53
C GLY A 288 3.87 -14.37 -2.57
N GLN A 289 4.83 -15.20 -2.21
CA GLN A 289 6.24 -14.85 -2.35
C GLN A 289 6.60 -14.78 -3.83
N GLY A 290 7.55 -13.93 -4.19
CA GLY A 290 7.98 -13.79 -5.57
C GLY A 290 7.22 -12.73 -6.35
N ALA A 291 6.23 -12.12 -5.71
CA ALA A 291 5.46 -11.04 -6.32
C ALA A 291 6.23 -9.73 -6.34
N ILE A 292 5.85 -8.86 -7.28
CA ILE A 292 6.31 -7.48 -7.28
C ILE A 292 5.12 -6.57 -7.50
N GLY A 293 5.24 -5.36 -6.96
CA GLY A 293 4.29 -4.28 -7.16
C GLY A 293 5.00 -3.07 -7.72
N LEU A 294 4.56 -2.64 -8.89
CA LEU A 294 5.14 -1.50 -9.61
C LEU A 294 4.17 -0.33 -9.54
N VAL A 295 4.65 0.83 -9.12
CA VAL A 295 3.82 2.01 -9.01
C VAL A 295 4.54 3.18 -9.70
N VAL A 296 3.84 3.81 -10.64
CA VAL A 296 4.38 4.94 -11.37
C VAL A 296 3.47 6.15 -11.17
N LEU A 297 4.06 7.23 -10.69
CA LEU A 297 3.37 8.51 -10.59
C LEU A 297 3.93 9.40 -11.69
N LYS A 298 3.06 9.80 -12.62
CA LYS A 298 3.47 10.71 -13.68
C LYS A 298 3.20 12.15 -13.29
N LYS A 299 3.97 13.07 -13.87
CA LYS A 299 3.74 14.50 -13.76
C LYS A 299 2.70 14.98 -14.78
C1 OLA B . -7.17 -7.17 5.52
O1 OLA B . -8.10 -6.32 5.65
O2 OLA B . -7.21 -8.32 6.00
C2 OLA B . -5.94 -6.75 4.74
C3 OLA B . -6.07 -7.18 3.28
C4 OLA B . -4.81 -6.96 2.42
C5 OLA B . -5.03 -7.36 0.97
C6 OLA B . -3.74 -7.24 0.15
C7 OLA B . -3.95 -7.60 -1.33
C8 OLA B . -2.64 -7.53 -2.14
C9 OLA B . -2.82 -7.94 -3.57
C10 OLA B . -2.82 -7.12 -4.64
C11 OLA B . -2.96 -5.63 -4.57
C12 OLA B . -1.71 -4.92 -5.08
C13 OLA B . -0.44 -5.14 -4.27
C14 OLA B . 0.71 -4.26 -4.77
C15 OLA B . 2.01 -4.49 -4.02
C16 OLA B . 2.62 -5.86 -4.23
C17 OLA B . 3.99 -6.04 -3.57
C18 OLA B . 4.56 -7.45 -3.80
H21 OLA B . -5.06 -7.20 5.18
H22 OLA B . -5.83 -5.67 4.79
H31 OLA B . -6.91 -6.64 2.83
H32 OLA B . -6.32 -8.25 3.26
H41 OLA B . -3.98 -7.52 2.83
H42 OLA B . -4.54 -5.90 2.46
H51 OLA B . -5.80 -6.73 0.52
H52 OLA B . -5.38 -8.40 0.93
H61 OLA B . -2.98 -7.89 0.57
H62 OLA B . -3.37 -6.22 0.22
H71 OLA B . -4.69 -6.94 -1.77
H72 OLA B . -4.34 -8.62 -1.39
H81 OLA B . -1.89 -8.17 -1.68
H82 OLA B . -2.27 -6.50 -2.12
H9 OLA B . -2.97 -9.00 -3.76
H10 OLA B . -2.71 -7.57 -5.63
H111 OLA B . -3.14 -5.34 -3.53
H112 OLA B . -3.81 -5.31 -5.16
H121 OLA B . -1.92 -3.85 -5.11
H122 OLA B . -1.54 -5.25 -6.11
H131 OLA B . -0.15 -6.19 -4.34
H132 OLA B . -0.63 -4.92 -3.23
H141 OLA B . 0.42 -3.21 -4.67
H142 OLA B . 0.89 -4.45 -5.83
H151 OLA B . 1.82 -4.34 -2.95
H152 OLA B . 2.73 -3.73 -4.31
H161 OLA B . 2.70 -6.05 -5.30
H162 OLA B . 1.93 -6.61 -3.82
H171 OLA B . 3.91 -5.85 -2.50
H172 OLA B . 4.68 -5.31 -3.99
H181 OLA B . 4.71 -7.93 -2.84
H182 OLA B . 5.50 -7.39 -4.34
H183 OLA B . 3.84 -8.04 -4.39
C1 EDO C . 7.79 -10.18 3.26
O1 EDO C . 6.45 -9.69 3.21
C2 EDO C . 8.33 -10.32 1.85
O2 EDO C . 7.60 -11.31 1.11
H11 EDO C . 8.42 -9.50 3.83
H12 EDO C . 7.80 -11.16 3.77
HO1 EDO C . 6.11 -9.59 4.11
H21 EDO C . 8.26 -9.37 1.35
H22 EDO C . 9.39 -10.62 1.90
HO2 EDO C . 7.96 -11.39 0.22
C1 EDO D . -10.97 17.92 20.10
O1 EDO D . -9.84 17.48 19.32
C2 EDO D . -11.23 16.93 21.22
O2 EDO D . -10.13 16.91 22.14
H11 EDO D . -10.77 18.90 20.50
H12 EDO D . -11.85 17.99 19.45
HO1 EDO D . -9.68 18.12 18.60
H21 EDO D . -12.14 17.23 21.76
H22 EDO D . -11.39 15.93 20.81
HO2 EDO D . -10.32 16.28 22.85
C1 EDO E . 12.09 9.49 -11.15
O1 EDO E . 13.24 9.08 -10.40
C2 EDO E . 12.56 10.26 -12.37
O2 EDO E . 13.35 9.40 -13.20
H11 EDO E . 11.52 8.62 -11.46
H12 EDO E . 11.46 10.13 -10.53
HO1 EDO E . 12.96 8.59 -9.62
H21 EDO E . 11.70 10.63 -12.94
H22 EDO E . 13.16 11.12 -12.06
HO2 EDO E . 13.65 9.89 -13.97
#